data_9EOI
#
_entry.id   9EOI
#
_cell.length_a   65.406
_cell.length_b   79.696
_cell.length_c   91.615
_cell.angle_alpha   90.000
_cell.angle_beta   90.000
_cell.angle_gamma   90.000
#
_symmetry.space_group_name_H-M   'P 21 21 21'
#
loop_
_entity.id
_entity.type
_entity.pdbx_description
1 polymer 'Putative lytic enzyme'
2 non-polymer 'CITRATE ANION'
3 water water
#
_entity_poly.entity_id   1
_entity_poly.type   'polypeptide(L)'
_entity_poly.pdbx_seq_one_letter_code
;MKLTEQQLLRIFPNARLVAGVFVVALQRAMDEREIDTPARCAAFLAQVGHESSQLTRLVENLNYSAQGLAATWPGRYLGP
DGQPNALALRLARNPQAIADNTYATRNGNGDEASGDGWRFRGRGLLQITGRANYRLVGEALGEPLEAEPWRLEQPVPAAR
SAAWWWAGHGLNELADRGEFAAITRRINGGLNGQAERLALWQRARAVLS
;
_entity_poly.pdbx_strand_id   A,B
#
# COMPACT_ATOMS: atom_id res chain seq x y z
N MET A 1 -12.53 -19.67 -26.61
CA MET A 1 -12.09 -20.07 -25.26
C MET A 1 -12.99 -19.74 -24.06
N LYS A 2 -12.76 -20.51 -22.98
CA LYS A 2 -13.39 -20.29 -21.69
C LYS A 2 -12.55 -20.97 -20.61
N LEU A 3 -12.19 -20.22 -19.58
CA LEU A 3 -11.43 -20.75 -18.46
C LEU A 3 -12.33 -20.80 -17.23
N THR A 4 -12.41 -21.95 -16.60
CA THR A 4 -13.19 -22.15 -15.39
C THR A 4 -12.29 -22.11 -14.17
N GLU A 5 -12.86 -21.63 -13.05
CA GLU A 5 -12.08 -21.61 -11.82
C GLU A 5 -11.53 -22.99 -11.47
N GLN A 6 -12.31 -24.04 -11.76
CA GLN A 6 -11.80 -25.40 -11.61
C GLN A 6 -10.49 -25.58 -12.35
N GLN A 7 -10.46 -25.12 -13.61
CA GLN A 7 -9.25 -25.24 -14.41
C GLN A 7 -8.11 -24.44 -13.81
N LEU A 8 -8.41 -23.25 -13.28
CA LEU A 8 -7.36 -22.46 -12.63
C LEU A 8 -6.75 -23.21 -11.45
N LEU A 9 -7.59 -23.69 -10.53
CA LEU A 9 -7.04 -24.36 -9.36
C LEU A 9 -6.23 -25.58 -9.74
N ARG A 10 -6.59 -26.27 -10.83
CA ARG A 10 -5.80 -27.42 -11.26
C ARG A 10 -4.46 -26.99 -11.86
N ILE A 11 -4.39 -25.79 -12.43
CA ILE A 11 -3.14 -25.28 -12.98
C ILE A 11 -2.34 -24.51 -11.94
N PHE A 12 -2.98 -23.62 -11.19
CA PHE A 12 -2.35 -22.83 -10.13
C PHE A 12 -2.99 -23.18 -8.79
N PRO A 13 -2.67 -24.35 -8.24
CA PRO A 13 -3.23 -24.72 -6.93
C PRO A 13 -2.92 -23.71 -5.83
N ASN A 14 -1.76 -23.09 -5.86
CA ASN A 14 -1.37 -22.14 -4.81
C ASN A 14 -2.10 -20.81 -4.93
N ALA A 15 -3.06 -20.69 -5.86
CA ALA A 15 -3.82 -19.45 -6.05
C ALA A 15 -5.24 -19.56 -5.49
N ARG A 16 -5.50 -20.56 -4.65
CA ARG A 16 -6.84 -20.77 -4.11
C ARG A 16 -7.46 -19.47 -3.64
N LEU A 17 -6.69 -18.67 -2.89
CA LEU A 17 -7.22 -17.44 -2.32
C LEU A 17 -7.49 -16.39 -3.39
N VAL A 18 -6.67 -16.35 -4.43
CA VAL A 18 -6.80 -15.37 -5.50
C VAL A 18 -7.55 -15.91 -6.71
N ALA A 19 -7.62 -17.24 -6.88
CA ALA A 19 -8.18 -17.80 -8.11
C ALA A 19 -9.58 -17.26 -8.41
N GLY A 20 -10.35 -16.90 -7.39
CA GLY A 20 -11.71 -16.43 -7.63
C GLY A 20 -11.76 -15.12 -8.41
N VAL A 21 -10.88 -14.17 -8.05
CA VAL A 21 -10.86 -12.89 -8.76
C VAL A 21 -9.97 -12.96 -10.00
N PHE A 22 -8.88 -13.74 -9.94
CA PHE A 22 -7.99 -13.86 -11.09
C PHE A 22 -8.68 -14.54 -12.26
N VAL A 23 -9.59 -15.47 -12.02
CA VAL A 23 -10.19 -16.20 -13.12
C VAL A 23 -10.91 -15.25 -14.07
N VAL A 24 -11.65 -14.28 -13.52
CA VAL A 24 -12.30 -13.29 -14.37
C VAL A 24 -11.29 -12.35 -14.99
N ALA A 25 -10.30 -11.91 -14.20
CA ALA A 25 -9.26 -11.04 -14.75
C ALA A 25 -8.53 -11.72 -15.90
N LEU A 26 -8.15 -12.99 -15.73
CA LEU A 26 -7.41 -13.70 -16.78
C LEU A 26 -8.29 -13.95 -17.99
N GLN A 27 -9.51 -14.42 -17.77
CA GLN A 27 -10.40 -14.71 -18.91
C GLN A 27 -10.59 -13.46 -19.77
N ARG A 28 -10.80 -12.31 -19.13
CA ARG A 28 -11.05 -11.09 -19.88
C ARG A 28 -9.79 -10.57 -20.56
N ALA A 29 -8.63 -10.63 -19.87
CA ALA A 29 -7.39 -10.19 -20.50
C ALA A 29 -7.04 -11.08 -21.68
N MET A 30 -7.33 -12.37 -21.56
CA MET A 30 -7.00 -13.34 -22.60
C MET A 30 -7.88 -13.11 -23.84
N ASP A 31 -9.20 -13.01 -23.66
CA ASP A 31 -10.07 -12.53 -24.75
C ASP A 31 -9.59 -11.22 -25.35
N GLU A 32 -9.28 -10.24 -24.50
CA GLU A 32 -8.89 -8.93 -24.99
C GLU A 32 -7.74 -9.01 -26.00
N ARG A 33 -6.75 -9.88 -25.75
CA ARG A 33 -5.56 -9.96 -26.58
C ARG A 33 -5.53 -11.21 -27.47
N GLU A 34 -6.67 -11.85 -27.67
CA GLU A 34 -6.78 -12.98 -28.60
C GLU A 34 -5.92 -14.16 -28.16
N ILE A 35 -5.70 -14.30 -26.87
CA ILE A 35 -5.18 -15.53 -26.29
C ILE A 35 -6.37 -16.48 -26.20
N ASP A 36 -6.72 -17.14 -27.32
CA ASP A 36 -8.09 -17.61 -27.51
C ASP A 36 -8.23 -19.09 -27.86
N THR A 37 -7.17 -19.88 -27.73
CA THR A 37 -7.14 -21.31 -28.02
C THR A 37 -6.49 -22.05 -26.87
N PRO A 38 -6.75 -23.35 -26.73
CA PRO A 38 -5.98 -24.12 -25.74
C PRO A 38 -4.48 -23.95 -25.87
N ALA A 39 -3.92 -23.91 -27.10
CA ALA A 39 -2.48 -23.78 -27.24
C ALA A 39 -2.00 -22.41 -26.79
N ARG A 40 -2.68 -21.35 -27.21
CA ARG A 40 -2.29 -20.01 -26.77
C ARG A 40 -2.44 -19.87 -25.26
N CYS A 41 -3.57 -20.35 -24.73
CA CYS A 41 -3.85 -20.17 -23.31
C CYS A 41 -2.91 -21.00 -22.44
N ALA A 42 -2.64 -22.24 -22.82
CA ALA A 42 -1.74 -23.09 -22.04
C ALA A 42 -0.34 -22.48 -21.96
N ALA A 43 0.17 -22.01 -23.10
CA ALA A 43 1.48 -21.38 -23.12
C ALA A 43 1.50 -20.13 -22.24
N PHE A 44 0.50 -19.25 -22.44
CA PHE A 44 0.40 -18.03 -21.64
C PHE A 44 0.32 -18.35 -20.15
N LEU A 45 -0.59 -19.25 -19.77
CA LEU A 45 -0.75 -19.52 -18.35
C LEU A 45 0.50 -20.16 -17.76
N ALA A 46 1.15 -21.05 -18.52
CA ALA A 46 2.39 -21.66 -18.04
C ALA A 46 3.47 -20.61 -17.78
N GLN A 47 3.61 -19.63 -18.68
CA GLN A 47 4.69 -18.65 -18.54
C GLN A 47 4.40 -17.68 -17.41
N VAL A 48 3.20 -17.09 -17.38
CA VAL A 48 2.87 -16.17 -16.29
C VAL A 48 2.85 -16.89 -14.96
N GLY A 49 2.45 -18.16 -14.95
CA GLY A 49 2.44 -18.92 -13.72
C GLY A 49 3.84 -19.17 -13.18
N HIS A 50 4.80 -19.41 -14.06
CA HIS A 50 6.17 -19.52 -13.58
C HIS A 50 6.67 -18.17 -13.05
N GLU A 51 6.47 -17.11 -13.83
CA GLU A 51 7.06 -15.81 -13.51
C GLU A 51 6.43 -15.18 -12.29
N SER A 52 5.24 -15.60 -11.89
CA SER A 52 4.56 -15.03 -10.75
C SER A 52 4.40 -16.02 -9.60
N SER A 53 5.15 -17.12 -9.61
CA SER A 53 5.00 -18.18 -8.62
C SER A 53 3.52 -18.54 -8.45
N GLN A 54 2.87 -18.83 -9.58
CA GLN A 54 1.47 -19.27 -9.58
C GLN A 54 0.55 -18.23 -8.96
N LEU A 55 0.74 -16.96 -9.32
CA LEU A 55 -0.11 -15.85 -8.91
C LEU A 55 0.10 -15.45 -7.44
N THR A 56 1.16 -15.93 -6.79
CA THR A 56 1.40 -15.62 -5.38
C THR A 56 2.44 -14.53 -5.18
N ARG A 57 3.26 -14.24 -6.19
CA ARG A 57 4.29 -13.20 -6.10
C ARG A 57 4.12 -12.24 -7.28
N LEU A 58 3.43 -11.11 -7.05
CA LEU A 58 3.23 -10.10 -8.09
C LEU A 58 4.07 -8.86 -7.88
N VAL A 59 5.12 -8.93 -7.06
CA VAL A 59 6.03 -7.82 -6.86
C VAL A 59 7.42 -8.40 -6.64
N GLU A 60 8.43 -7.71 -7.14
CA GLU A 60 9.77 -8.27 -7.07
C GLU A 60 10.31 -8.17 -5.65
N ASN A 61 11.10 -9.17 -5.28
CA ASN A 61 11.68 -9.29 -3.95
C ASN A 61 13.07 -8.66 -3.99
N LEU A 62 13.31 -7.64 -3.16
CA LEU A 62 14.60 -6.98 -3.16
C LEU A 62 15.33 -7.15 -1.83
N ASN A 63 15.01 -8.21 -1.10
CA ASN A 63 15.66 -8.51 0.19
C ASN A 63 16.95 -9.30 -0.05
N TYR A 64 17.99 -8.59 -0.51
CA TYR A 64 19.29 -9.19 -0.79
C TYR A 64 20.25 -8.99 0.37
N SER A 65 21.04 -10.03 0.65
CA SER A 65 22.21 -9.90 1.50
C SER A 65 23.33 -9.18 0.74
N ALA A 66 24.36 -8.76 1.46
CA ALA A 66 25.48 -8.13 0.79
C ALA A 66 26.08 -9.08 -0.23
N GLN A 67 26.12 -10.36 0.08
CA GLN A 67 26.65 -11.33 -0.86
C GLN A 67 25.72 -11.47 -2.05
N GLY A 68 24.41 -11.34 -1.80
CA GLY A 68 23.45 -11.39 -2.89
C GLY A 68 23.53 -10.19 -3.81
N LEU A 69 23.74 -9.00 -3.24
CA LEU A 69 23.96 -7.84 -4.11
C LEU A 69 25.18 -8.03 -4.99
N ALA A 70 26.28 -8.53 -4.41
CA ALA A 70 27.51 -8.70 -5.17
C ALA A 70 27.35 -9.73 -6.28
N ALA A 71 26.56 -10.78 -6.03
CA ALA A 71 26.32 -11.79 -7.06
C ALA A 71 25.37 -11.29 -8.15
N THR A 72 24.47 -10.38 -7.81
CA THR A 72 23.42 -10.02 -8.75
C THR A 72 23.79 -8.83 -9.63
N TRP A 73 24.32 -7.77 -9.03
CA TRP A 73 24.78 -6.59 -9.76
C TRP A 73 26.25 -6.36 -9.44
N PRO A 74 27.14 -7.20 -9.97
CA PRO A 74 28.57 -7.09 -9.56
C PRO A 74 29.22 -5.78 -9.97
N GLY A 75 28.86 -5.22 -11.13
CA GLY A 75 29.45 -3.95 -11.50
C GLY A 75 29.15 -2.85 -10.52
N ARG A 76 28.14 -3.05 -9.67
CA ARG A 76 27.71 -2.09 -8.68
C ARG A 76 28.20 -2.44 -7.27
N TYR A 77 28.27 -3.73 -6.95
CA TYR A 77 28.36 -4.18 -5.56
C TYR A 77 29.48 -5.18 -5.29
N LEU A 78 30.27 -5.53 -6.30
CA LEU A 78 31.40 -6.42 -6.11
C LEU A 78 32.68 -5.60 -6.11
N GLY A 79 33.49 -5.76 -5.06
CA GLY A 79 34.75 -5.04 -4.98
C GLY A 79 35.85 -5.76 -5.71
N PRO A 80 36.98 -5.06 -5.90
CA PRO A 80 38.13 -5.68 -6.57
C PRO A 80 38.61 -6.96 -5.88
N ASP A 81 38.08 -7.25 -4.70
CA ASP A 81 38.51 -8.33 -3.81
C ASP A 81 37.78 -9.64 -4.04
N GLY A 82 36.72 -9.63 -4.84
CA GLY A 82 35.76 -10.73 -4.81
C GLY A 82 34.81 -10.68 -3.63
N GLN A 83 34.85 -9.60 -2.84
CA GLN A 83 33.98 -9.43 -1.70
C GLN A 83 32.98 -8.32 -2.00
N PRO A 84 31.80 -8.33 -1.38
CA PRO A 84 30.91 -7.17 -1.48
C PRO A 84 31.65 -5.89 -1.12
N ASN A 85 31.41 -4.83 -1.88
CA ASN A 85 32.12 -3.59 -1.62
C ASN A 85 31.37 -2.75 -0.60
N ALA A 86 31.86 -1.54 -0.34
CA ALA A 86 31.29 -0.76 0.76
C ALA A 86 29.85 -0.34 0.47
N LEU A 87 29.54 -0.08 -0.81
CA LEU A 87 28.17 0.25 -1.19
C LEU A 87 27.23 -0.92 -0.90
N ALA A 88 27.64 -2.13 -1.30
CA ALA A 88 26.85 -3.32 -0.98
C ALA A 88 26.62 -3.44 0.52
N LEU A 89 27.66 -3.18 1.31
CA LEU A 89 27.47 -3.28 2.76
C LEU A 89 26.47 -2.24 3.25
N ARG A 90 26.51 -1.05 2.66
CA ARG A 90 25.61 0.01 3.11
C ARG A 90 24.15 -0.29 2.80
N LEU A 91 23.88 -0.92 1.64
CA LEU A 91 22.52 -1.18 1.19
C LEU A 91 21.98 -2.53 1.60
N ALA A 92 22.85 -3.47 2.01
CA ALA A 92 22.44 -4.84 2.29
C ALA A 92 21.19 -4.91 3.15
N ARG A 93 20.28 -5.80 2.77
CA ARG A 93 19.07 -6.16 3.49
C ARG A 93 18.08 -5.01 3.63
N ASN A 94 18.25 -3.94 2.87
CA ASN A 94 17.32 -2.80 2.85
C ASN A 94 16.68 -2.71 1.46
N PRO A 95 15.57 -3.40 1.24
CA PRO A 95 14.97 -3.41 -0.12
C PRO A 95 14.73 -2.04 -0.74
N GLN A 96 14.22 -1.05 0.00
CA GLN A 96 13.96 0.27 -0.58
C GLN A 96 15.26 0.89 -1.07
N ALA A 97 16.29 0.88 -0.22
CA ALA A 97 17.57 1.43 -0.61
C ALA A 97 18.20 0.66 -1.75
N ILE A 98 18.06 -0.67 -1.76
CA ILE A 98 18.59 -1.46 -2.87
C ILE A 98 17.94 -1.02 -4.18
N ALA A 99 16.61 -0.94 -4.20
CA ALA A 99 15.93 -0.58 -5.45
C ALA A 99 16.23 0.86 -5.85
N ASP A 100 16.19 1.78 -4.87
CA ASP A 100 16.40 3.19 -5.17
C ASP A 100 17.78 3.42 -5.76
N ASN A 101 18.78 2.67 -5.29
CA ASN A 101 20.13 2.77 -5.84
C ASN A 101 20.30 2.00 -7.15
N THR A 102 19.90 0.73 -7.15
CA THR A 102 20.21 -0.10 -8.30
C THR A 102 19.44 0.34 -9.53
N TYR A 103 18.21 0.78 -9.36
CA TYR A 103 17.34 1.13 -10.49
C TYR A 103 17.28 2.62 -10.77
N ALA A 104 18.10 3.43 -10.09
CA ALA A 104 18.10 4.85 -10.39
C ALA A 104 18.45 5.05 -11.85
N THR A 105 17.73 5.98 -12.51
CA THR A 105 17.97 6.35 -13.90
C THR A 105 17.75 5.20 -14.86
N ARG A 106 17.09 4.13 -14.44
CA ARG A 106 16.81 2.99 -15.30
C ARG A 106 15.37 3.05 -15.79
N ASN A 107 15.18 2.85 -17.09
CA ASN A 107 13.83 2.75 -17.67
C ASN A 107 12.96 3.96 -17.29
N GLY A 108 13.54 5.14 -17.40
CA GLY A 108 12.79 6.36 -17.14
C GLY A 108 12.74 6.78 -15.68
N ASN A 109 13.33 5.97 -14.79
CA ASN A 109 13.40 6.34 -13.38
C ASN A 109 14.26 7.59 -13.18
N GLY A 110 13.89 8.39 -12.19
CA GLY A 110 14.73 9.47 -11.71
C GLY A 110 15.92 8.94 -10.93
N ASP A 111 16.59 9.85 -10.23
CA ASP A 111 17.83 9.48 -9.55
C ASP A 111 17.51 8.78 -8.22
N GLU A 112 18.57 8.42 -7.49
CA GLU A 112 18.38 7.72 -6.23
C GLU A 112 17.45 8.49 -5.30
N ALA A 113 17.65 9.81 -5.19
CA ALA A 113 16.84 10.60 -4.28
C ALA A 113 15.37 10.63 -4.69
N SER A 114 15.06 10.34 -5.95
CA SER A 114 13.65 10.39 -6.36
C SER A 114 12.84 9.29 -5.69
N GLY A 115 13.49 8.20 -5.29
CA GLY A 115 12.77 7.02 -4.87
C GLY A 115 12.11 6.26 -6.00
N ASP A 116 12.40 6.58 -7.26
CA ASP A 116 11.72 5.94 -8.38
C ASP A 116 12.08 4.46 -8.47
N GLY A 117 13.32 4.10 -8.09
CA GLY A 117 13.76 2.72 -8.23
C GLY A 117 12.89 1.76 -7.45
N TRP A 118 12.57 2.11 -6.19
CA TRP A 118 11.61 1.35 -5.40
C TRP A 118 10.20 1.56 -5.91
N ARG A 119 9.83 2.83 -6.15
CA ARG A 119 8.44 3.14 -6.50
C ARG A 119 7.96 2.30 -7.66
N PHE A 120 8.83 2.07 -8.65
CA PHE A 120 8.51 1.42 -9.90
C PHE A 120 9.29 0.12 -10.04
N ARG A 121 9.58 -0.53 -8.91
CA ARG A 121 10.12 -1.87 -8.94
C ARG A 121 9.15 -2.80 -9.67
N GLY A 122 9.62 -4.02 -9.95
CA GLY A 122 8.90 -4.91 -10.84
C GLY A 122 7.58 -5.34 -10.24
N ARG A 123 6.50 -5.24 -11.01
CA ARG A 123 5.18 -5.67 -10.57
C ARG A 123 4.43 -6.32 -11.73
N GLY A 124 3.53 -7.23 -11.38
CA GLY A 124 2.64 -7.85 -12.33
C GLY A 124 2.88 -9.35 -12.44
N LEU A 125 2.34 -9.94 -13.51
CA LEU A 125 2.61 -11.34 -13.79
C LEU A 125 3.90 -11.48 -14.59
N LEU A 126 3.94 -10.87 -15.78
CA LEU A 126 5.20 -10.57 -16.46
C LEU A 126 5.58 -9.17 -16.01
N GLN A 127 6.66 -9.03 -15.25
CA GLN A 127 6.82 -7.83 -14.46
C GLN A 127 7.20 -6.62 -15.32
N ILE A 128 6.64 -5.48 -14.95
CA ILE A 128 6.88 -4.18 -15.56
C ILE A 128 7.77 -3.41 -14.58
N THR A 129 8.83 -2.77 -15.07
CA THR A 129 9.77 -2.10 -14.19
C THR A 129 10.14 -0.74 -14.75
N GLY A 130 10.15 0.28 -13.91
CA GLY A 130 10.62 1.60 -14.29
C GLY A 130 9.49 2.55 -14.65
N ARG A 131 9.69 3.83 -14.32
CA ARG A 131 8.67 4.84 -14.53
C ARG A 131 8.17 4.87 -15.97
N ALA A 132 9.10 4.90 -16.94
CA ALA A 132 8.66 5.01 -18.34
C ALA A 132 7.83 3.81 -18.78
N ASN A 133 8.10 2.62 -18.23
CA ASN A 133 7.31 1.46 -18.61
C ASN A 133 5.94 1.44 -17.92
N TYR A 134 5.86 1.91 -16.67
CA TYR A 134 4.55 2.07 -16.04
C TYR A 134 3.73 3.08 -16.82
N ARG A 135 4.37 4.15 -17.28
CA ARG A 135 3.69 5.14 -18.10
C ARG A 135 3.18 4.50 -19.38
N LEU A 136 4.05 3.80 -20.10
CA LEU A 136 3.70 3.21 -21.39
C LEU A 136 2.57 2.18 -21.24
N VAL A 137 2.68 1.30 -20.24
CA VAL A 137 1.65 0.28 -20.04
C VAL A 137 0.35 0.90 -19.56
N GLY A 138 0.43 1.87 -18.63
CA GLY A 138 -0.78 2.50 -18.16
C GLY A 138 -1.56 3.15 -19.29
N GLU A 139 -0.85 3.74 -20.23
CA GLU A 139 -1.50 4.44 -21.33
C GLU A 139 -2.11 3.45 -22.31
N ALA A 140 -1.47 2.29 -22.51
CA ALA A 140 -2.02 1.28 -23.41
C ALA A 140 -3.27 0.62 -22.82
N LEU A 141 -3.33 0.53 -21.49
CA LEU A 141 -4.41 -0.16 -20.80
C LEU A 141 -5.52 0.77 -20.31
N GLY A 142 -5.32 2.08 -20.37
CA GLY A 142 -6.30 2.96 -19.71
C GLY A 142 -6.44 2.73 -18.22
N GLU A 143 -5.33 2.58 -17.52
CA GLU A 143 -5.31 2.52 -16.06
C GLU A 143 -4.17 3.39 -15.54
N PRO A 144 -4.30 3.91 -14.33
CA PRO A 144 -3.39 4.96 -13.83
C PRO A 144 -2.15 4.38 -13.17
N LEU A 145 -1.34 3.67 -13.97
CA LEU A 145 -0.24 2.89 -13.41
C LEU A 145 0.93 3.76 -13.00
N GLU A 146 1.22 4.82 -13.74
CA GLU A 146 2.31 5.69 -13.32
C GLU A 146 1.98 6.41 -12.01
N ALA A 147 0.72 6.83 -11.83
CA ALA A 147 0.35 7.51 -10.59
C ALA A 147 0.12 6.53 -9.43
N GLU A 148 -0.36 5.33 -9.73
CA GLU A 148 -0.66 4.31 -8.74
C GLU A 148 0.01 2.99 -9.10
N PRO A 149 1.35 2.92 -8.99
CA PRO A 149 2.05 1.71 -9.47
C PRO A 149 1.60 0.46 -8.77
N TRP A 150 1.12 0.57 -7.52
CA TRP A 150 0.63 -0.59 -6.78
C TRP A 150 -0.53 -1.28 -7.49
N ARG A 151 -1.19 -0.61 -8.44
CA ARG A 151 -2.27 -1.25 -9.18
C ARG A 151 -1.79 -2.50 -9.89
N LEU A 152 -0.49 -2.59 -10.19
CA LEU A 152 -0.01 -3.76 -10.92
C LEU A 152 0.08 -5.00 -10.02
N GLU A 153 -0.11 -4.86 -8.71
CA GLU A 153 -0.21 -6.01 -7.84
C GLU A 153 -1.63 -6.54 -7.72
N GLN A 154 -2.58 -5.92 -8.35
CA GLN A 154 -3.99 -6.28 -8.33
C GLN A 154 -4.35 -7.05 -9.60
N PRO A 155 -5.36 -7.92 -9.51
CA PRO A 155 -5.54 -8.95 -10.55
C PRO A 155 -5.73 -8.40 -11.96
N VAL A 156 -6.54 -7.36 -12.12
CA VAL A 156 -6.92 -6.95 -13.47
C VAL A 156 -5.73 -6.28 -14.14
N PRO A 157 -5.09 -5.27 -13.52
CA PRO A 157 -3.90 -4.71 -14.15
C PRO A 157 -2.79 -5.74 -14.36
N ALA A 158 -2.57 -6.63 -13.41
CA ALA A 158 -1.53 -7.65 -13.60
C ALA A 158 -1.85 -8.52 -14.81
N ALA A 159 -3.10 -8.98 -14.91
CA ALA A 159 -3.46 -9.87 -16.03
C ALA A 159 -3.46 -9.12 -17.35
N ARG A 160 -4.02 -7.90 -17.37
CA ARG A 160 -4.11 -7.18 -18.64
C ARG A 160 -2.74 -6.74 -19.12
N SER A 161 -1.87 -6.35 -18.18
CA SER A 161 -0.52 -5.96 -18.57
C SER A 161 0.24 -7.15 -19.14
N ALA A 162 0.06 -8.34 -18.56
CA ALA A 162 0.78 -9.52 -19.07
C ALA A 162 0.24 -9.95 -20.43
N ALA A 163 -1.07 -9.91 -20.63
CA ALA A 163 -1.65 -10.26 -21.93
C ALA A 163 -1.23 -9.27 -23.00
N TRP A 164 -1.17 -7.98 -22.64
CA TRP A 164 -0.77 -6.95 -23.59
C TRP A 164 0.67 -7.17 -24.05
N TRP A 165 1.57 -7.41 -23.10
CA TRP A 165 2.97 -7.67 -23.43
C TRP A 165 3.10 -8.93 -24.28
N TRP A 166 2.47 -10.03 -23.83
CA TRP A 166 2.44 -11.27 -24.59
C TRP A 166 2.06 -11.06 -26.05
N ALA A 167 0.86 -10.52 -26.30
CA ALA A 167 0.39 -10.39 -27.68
C ALA A 167 1.29 -9.44 -28.48
N GLY A 168 1.77 -8.39 -27.83
CA GLY A 168 2.62 -7.40 -28.48
C GLY A 168 4.01 -7.89 -28.82
N HIS A 169 4.45 -9.02 -28.26
CA HIS A 169 5.75 -9.58 -28.60
C HIS A 169 5.63 -10.83 -29.46
N GLY A 170 4.52 -10.98 -30.18
CA GLY A 170 4.37 -12.08 -31.10
C GLY A 170 4.31 -13.44 -30.45
N LEU A 171 4.01 -13.51 -29.16
CA LEU A 171 4.04 -14.79 -28.48
C LEU A 171 2.81 -15.65 -28.80
N ASN A 172 1.70 -15.04 -29.24
CA ASN A 172 0.56 -15.83 -29.69
C ASN A 172 0.92 -16.69 -30.90
N GLU A 173 1.68 -16.13 -31.84
CA GLU A 173 1.99 -16.89 -33.05
C GLU A 173 3.03 -17.96 -32.77
N LEU A 174 3.98 -17.68 -31.87
CA LEU A 174 4.88 -18.71 -31.37
C LEU A 174 4.10 -19.85 -30.73
N ALA A 175 3.09 -19.52 -29.91
CA ALA A 175 2.31 -20.58 -29.27
C ALA A 175 1.52 -21.40 -30.30
N ASP A 176 0.97 -20.74 -31.33
CA ASP A 176 0.27 -21.46 -32.39
C ASP A 176 1.12 -22.58 -32.96
N ARG A 177 2.41 -22.32 -33.10
CA ARG A 177 3.33 -23.26 -33.73
C ARG A 177 3.95 -24.22 -32.73
N GLY A 178 3.60 -24.10 -31.45
CA GLY A 178 4.15 -24.96 -30.43
C GLY A 178 5.58 -24.69 -30.06
N GLU A 179 6.08 -23.49 -30.33
CA GLU A 179 7.48 -23.17 -30.05
C GLU A 179 7.60 -22.56 -28.65
N PHE A 180 7.41 -23.42 -27.66
CA PHE A 180 7.40 -22.99 -26.27
C PHE A 180 8.77 -22.49 -25.81
N ALA A 181 9.85 -23.20 -26.16
CA ALA A 181 11.17 -22.72 -25.75
C ALA A 181 11.49 -21.37 -26.38
N ALA A 182 11.03 -21.13 -27.60
CA ALA A 182 11.21 -19.82 -28.20
C ALA A 182 10.44 -18.74 -27.44
N ILE A 183 9.28 -19.08 -26.88
CA ILE A 183 8.57 -18.14 -26.01
C ILE A 183 9.41 -17.87 -24.77
N THR A 184 9.90 -18.93 -24.11
CA THR A 184 10.72 -18.74 -22.94
C THR A 184 11.88 -17.80 -23.22
N ARG A 185 12.53 -17.95 -24.37
CA ARG A 185 13.66 -17.08 -24.66
C ARG A 185 13.22 -15.63 -24.73
N ARG A 186 12.10 -15.36 -25.40
CA ARG A 186 11.65 -13.97 -25.55
C ARG A 186 11.33 -13.36 -24.20
N ILE A 187 10.76 -14.13 -23.29
CA ILE A 187 10.38 -13.57 -21.99
C ILE A 187 11.60 -13.39 -21.11
N ASN A 188 12.49 -14.37 -21.11
CA ASN A 188 13.57 -14.42 -20.14
C ASN A 188 14.92 -13.98 -20.72
N GLY A 189 15.04 -13.88 -22.04
CA GLY A 189 16.36 -13.69 -22.63
C GLY A 189 17.29 -14.83 -22.27
N GLY A 190 16.78 -16.05 -22.29
CA GLY A 190 17.51 -17.21 -21.82
C GLY A 190 16.51 -18.32 -21.53
N LEU A 191 17.00 -19.38 -20.89
CA LEU A 191 16.14 -20.51 -20.56
C LEU A 191 16.13 -20.79 -19.06
N ASN A 192 16.27 -19.76 -18.24
CA ASN A 192 16.20 -19.97 -16.80
C ASN A 192 14.81 -20.46 -16.41
N GLY A 193 14.77 -21.48 -15.55
CA GLY A 193 13.50 -22.06 -15.14
C GLY A 193 12.78 -22.87 -16.19
N GLN A 194 13.43 -23.23 -17.30
CA GLN A 194 12.72 -23.92 -18.38
C GLN A 194 12.11 -25.22 -17.90
N ALA A 195 12.82 -25.97 -17.05
CA ALA A 195 12.27 -27.22 -16.55
C ALA A 195 10.95 -26.97 -15.83
N GLU A 196 10.88 -25.89 -15.04
CA GLU A 196 9.66 -25.56 -14.32
C GLU A 196 8.58 -25.05 -15.26
N ARG A 197 8.95 -24.20 -16.21
CA ARG A 197 7.98 -23.73 -17.20
C ARG A 197 7.36 -24.90 -17.97
N LEU A 198 8.18 -25.89 -18.32
CA LEU A 198 7.69 -27.02 -19.10
C LEU A 198 6.70 -27.85 -18.30
N ALA A 199 6.96 -28.03 -17.00
CA ALA A 199 6.04 -28.81 -16.18
C ALA A 199 4.69 -28.10 -16.03
N LEU A 200 4.71 -26.79 -15.81
CA LEU A 200 3.45 -26.05 -15.78
C LEU A 200 2.73 -26.15 -17.11
N TRP A 201 3.49 -26.02 -18.20
CA TRP A 201 2.89 -26.07 -19.54
C TRP A 201 2.20 -27.40 -19.80
N GLN A 202 2.86 -28.51 -19.42
CA GLN A 202 2.21 -29.80 -19.68
C GLN A 202 0.99 -30.01 -18.80
N ARG A 203 1.02 -29.53 -17.55
CA ARG A 203 -0.20 -29.49 -16.74
C ARG A 203 -1.30 -28.71 -17.44
N ALA A 204 -0.98 -27.50 -17.90
CA ALA A 204 -2.00 -26.63 -18.47
C ALA A 204 -2.55 -27.22 -19.77
N ARG A 205 -1.70 -27.82 -20.60
CA ARG A 205 -2.21 -28.46 -21.81
C ARG A 205 -3.18 -29.58 -21.46
N ALA A 206 -2.86 -30.38 -20.44
CA ALA A 206 -3.76 -31.46 -20.05
C ALA A 206 -5.09 -30.92 -19.55
N VAL A 207 -5.05 -29.85 -18.75
CA VAL A 207 -6.27 -29.29 -18.19
C VAL A 207 -7.14 -28.64 -19.26
N LEU A 208 -6.51 -27.91 -20.19
CA LEU A 208 -7.26 -27.13 -21.17
C LEU A 208 -7.60 -27.91 -22.42
N SER A 209 -7.10 -29.13 -22.55
CA SER A 209 -7.27 -29.91 -23.76
C SER A 209 -8.75 -30.15 -24.05
N MET B 1 -6.39 -2.82 34.39
CA MET B 1 -7.46 -2.72 33.38
C MET B 1 -7.50 -3.95 32.46
N LYS B 2 -8.70 -4.38 32.07
CA LYS B 2 -8.84 -5.40 31.04
C LYS B 2 -9.94 -4.96 30.08
N LEU B 3 -9.71 -5.19 28.79
CA LEU B 3 -10.64 -4.80 27.73
C LEU B 3 -10.97 -6.05 26.92
N THR B 4 -12.25 -6.39 26.85
CA THR B 4 -12.72 -7.55 26.10
C THR B 4 -13.27 -7.14 24.74
N GLU B 5 -13.21 -8.06 23.80
CA GLU B 5 -13.81 -7.85 22.49
C GLU B 5 -15.27 -7.42 22.60
N GLN B 6 -16.02 -8.04 23.52
CA GLN B 6 -17.44 -7.70 23.63
C GLN B 6 -17.63 -6.31 24.23
N GLN B 7 -16.70 -5.89 25.09
CA GLN B 7 -16.75 -4.52 25.60
C GLN B 7 -16.47 -3.52 24.48
N LEU B 8 -15.42 -3.77 23.71
CA LEU B 8 -15.09 -2.90 22.60
C LEU B 8 -16.26 -2.76 21.64
N LEU B 9 -16.94 -3.88 21.35
CA LEU B 9 -18.07 -3.82 20.44
C LEU B 9 -19.27 -3.10 21.04
N ARG B 10 -19.37 -3.07 22.38
CA ARG B 10 -20.44 -2.29 22.98
C ARG B 10 -20.14 -0.80 22.95
N ILE B 11 -18.88 -0.43 23.09
CA ILE B 11 -18.49 0.98 22.98
C ILE B 11 -18.51 1.45 21.53
N PHE B 12 -17.92 0.64 20.63
CA PHE B 12 -17.78 0.93 19.20
C PHE B 12 -18.62 -0.06 18.36
N PRO B 13 -19.94 0.08 18.33
CA PRO B 13 -20.74 -0.89 17.55
C PRO B 13 -20.28 -0.98 16.11
N ASN B 14 -19.94 0.15 15.50
CA ASN B 14 -19.52 0.19 14.11
C ASN B 14 -18.14 -0.41 13.88
N ALA B 15 -17.45 -0.81 14.95
CA ALA B 15 -16.15 -1.48 14.87
C ALA B 15 -16.27 -2.98 14.59
N ARG B 16 -17.45 -3.46 14.21
CA ARG B 16 -17.71 -4.89 14.18
C ARG B 16 -16.74 -5.65 13.29
N LEU B 17 -16.27 -5.04 12.20
CA LEU B 17 -15.40 -5.76 11.27
C LEU B 17 -13.93 -5.76 11.70
N VAL B 18 -13.55 -5.00 12.73
CA VAL B 18 -12.12 -4.88 13.05
C VAL B 18 -11.86 -5.08 14.54
N ALA B 19 -12.93 -5.18 15.34
CA ALA B 19 -12.77 -5.25 16.81
C ALA B 19 -11.86 -6.40 17.21
N GLY B 20 -11.98 -7.55 16.55
CA GLY B 20 -11.16 -8.69 16.91
C GLY B 20 -9.68 -8.43 16.71
N VAL B 21 -9.31 -7.62 15.73
CA VAL B 21 -7.90 -7.33 15.47
C VAL B 21 -7.43 -6.04 16.14
N PHE B 22 -8.33 -5.31 16.82
CA PHE B 22 -7.96 -4.11 17.55
C PHE B 22 -7.91 -4.29 19.06
N VAL B 23 -8.57 -5.32 19.58
CA VAL B 23 -8.72 -5.42 21.03
C VAL B 23 -7.38 -5.62 21.71
N VAL B 24 -6.53 -6.53 21.21
CA VAL B 24 -5.22 -6.72 21.85
C VAL B 24 -4.32 -5.51 21.61
N ALA B 25 -4.35 -4.96 20.40
CA ALA B 25 -3.60 -3.73 20.11
C ALA B 25 -3.95 -2.63 21.11
N LEU B 26 -5.23 -2.41 21.35
CA LEU B 26 -5.64 -1.34 22.27
C LEU B 26 -5.25 -1.68 23.71
N GLN B 27 -5.52 -2.91 24.14
CA GLN B 27 -5.15 -3.29 25.51
C GLN B 27 -3.66 -3.10 25.76
N ARG B 28 -2.83 -3.56 24.81
CA ARG B 28 -1.40 -3.42 25.00
C ARG B 28 -0.97 -1.96 24.94
N ALA B 29 -1.56 -1.16 24.05
CA ALA B 29 -1.15 0.24 23.97
C ALA B 29 -1.56 1.00 25.23
N MET B 30 -2.73 0.67 25.77
CA MET B 30 -3.23 1.37 26.94
C MET B 30 -2.35 1.02 28.14
N ASP B 31 -2.03 -0.27 28.30
CA ASP B 31 -1.12 -0.67 29.37
C ASP B 31 0.23 0.01 29.22
N GLU B 32 0.73 0.07 27.99
CA GLU B 32 2.06 0.61 27.74
C GLU B 32 2.18 2.06 28.20
N ARG B 33 1.11 2.83 28.09
CA ARG B 33 1.15 4.26 28.38
C ARG B 33 0.36 4.61 29.64
N GLU B 34 0.10 3.63 30.51
CA GLU B 34 -0.53 3.88 31.80
C GLU B 34 -1.94 4.41 31.64
N ILE B 35 -2.61 4.09 30.53
CA ILE B 35 -4.03 4.34 30.39
C ILE B 35 -4.72 3.19 31.12
N ASP B 36 -4.81 3.29 32.45
CA ASP B 36 -4.90 2.09 33.28
C ASP B 36 -6.08 2.06 34.25
N THR B 37 -7.05 2.95 34.09
CA THR B 37 -8.26 2.96 34.91
C THR B 37 -9.48 3.09 34.00
N PRO B 38 -10.66 2.71 34.49
CA PRO B 38 -11.89 2.99 33.72
C PRO B 38 -11.99 4.45 33.25
N ALA B 39 -11.60 5.41 34.10
CA ALA B 39 -11.73 6.81 33.70
C ALA B 39 -10.73 7.19 32.62
N ARG B 40 -9.47 6.76 32.76
CA ARG B 40 -8.50 7.03 31.70
C ARG B 40 -8.90 6.32 30.41
N CYS B 41 -9.25 5.03 30.53
CA CYS B 41 -9.61 4.24 29.36
C CYS B 41 -10.87 4.76 28.68
N ALA B 42 -11.91 5.09 29.47
CA ALA B 42 -13.14 5.57 28.85
C ALA B 42 -12.90 6.86 28.07
N ALA B 43 -12.15 7.79 28.65
CA ALA B 43 -11.82 9.03 27.95
C ALA B 43 -11.01 8.77 26.69
N PHE B 44 -9.98 7.92 26.79
CA PHE B 44 -9.16 7.62 25.62
C PHE B 44 -9.99 6.99 24.50
N LEU B 45 -10.78 5.98 24.82
CA LEU B 45 -11.54 5.32 23.76
C LEU B 45 -12.59 6.25 23.16
N ALA B 46 -13.18 7.14 23.97
CA ALA B 46 -14.14 8.08 23.43
C ALA B 46 -13.50 8.99 22.40
N GLN B 47 -12.31 9.51 22.71
CA GLN B 47 -11.66 10.43 21.78
C GLN B 47 -11.15 9.71 20.53
N VAL B 48 -10.44 8.58 20.71
CA VAL B 48 -9.97 7.88 19.51
C VAL B 48 -11.13 7.30 18.73
N GLY B 49 -12.20 6.89 19.43
CA GLY B 49 -13.40 6.47 18.74
C GLY B 49 -13.99 7.55 17.86
N HIS B 50 -14.08 8.78 18.39
CA HIS B 50 -14.61 9.86 17.55
C HIS B 50 -13.66 10.16 16.39
N GLU B 51 -12.35 10.26 16.67
CA GLU B 51 -11.41 10.70 15.65
C GLU B 51 -11.25 9.68 14.54
N SER B 52 -11.48 8.40 14.82
CA SER B 52 -11.30 7.34 13.82
C SER B 52 -12.61 6.78 13.31
N SER B 53 -13.75 7.42 13.60
CA SER B 53 -15.07 6.88 13.27
C SER B 53 -15.20 5.44 13.76
N GLN B 54 -14.96 5.26 15.07
CA GLN B 54 -15.08 3.95 15.70
C GLN B 54 -14.21 2.90 15.00
N LEU B 55 -12.99 3.29 14.66
CA LEU B 55 -11.94 2.41 14.19
C LEU B 55 -12.15 2.05 12.72
N THR B 56 -13.08 2.71 12.03
CA THR B 56 -13.38 2.42 10.62
C THR B 56 -12.66 3.32 9.64
N ARG B 57 -11.97 4.36 10.09
CA ARG B 57 -11.33 5.31 9.19
C ARG B 57 -9.95 5.65 9.75
N LEU B 58 -8.92 4.95 9.26
CA LEU B 58 -7.57 5.09 9.78
C LEU B 58 -6.66 5.89 8.87
N VAL B 59 -7.21 6.55 7.84
CA VAL B 59 -6.43 7.38 6.94
C VAL B 59 -7.33 8.53 6.51
N GLU B 60 -6.76 9.71 6.32
CA GLU B 60 -7.63 10.84 6.02
C GLU B 60 -8.09 10.74 4.57
N ASN B 61 -9.29 11.28 4.34
CA ASN B 61 -9.92 11.29 3.02
C ASN B 61 -9.61 12.62 2.36
N LEU B 62 -9.00 12.57 1.17
CA LEU B 62 -8.66 13.80 0.46
C LEU B 62 -9.43 13.91 -0.86
N ASN B 63 -10.56 13.23 -0.96
CA ASN B 63 -11.37 13.24 -2.19
C ASN B 63 -12.32 14.43 -2.18
N TYR B 64 -11.74 15.62 -2.35
CA TYR B 64 -12.47 16.88 -2.34
C TYR B 64 -12.90 17.29 -3.74
N SER B 65 -14.07 17.92 -3.82
CA SER B 65 -14.43 18.67 -5.02
C SER B 65 -13.74 20.04 -5.00
N ALA B 66 -13.84 20.75 -6.13
CA ALA B 66 -13.30 22.11 -6.15
C ALA B 66 -13.98 22.96 -5.09
N GLN B 67 -15.27 22.73 -4.87
CA GLN B 67 -15.99 23.50 -3.85
C GLN B 67 -15.51 23.12 -2.47
N GLY B 68 -15.30 21.82 -2.24
CA GLY B 68 -14.82 21.37 -0.94
C GLY B 68 -13.43 21.88 -0.64
N LEU B 69 -12.55 21.89 -1.65
CA LEU B 69 -11.26 22.54 -1.48
C LEU B 69 -11.43 23.96 -0.98
N ALA B 70 -12.21 24.75 -1.72
CA ALA B 70 -12.40 26.15 -1.36
C ALA B 70 -12.99 26.29 0.05
N ALA B 71 -13.93 25.42 0.41
CA ALA B 71 -14.56 25.52 1.72
C ALA B 71 -13.62 25.06 2.84
N THR B 72 -12.79 24.07 2.56
CA THR B 72 -11.98 23.48 3.61
C THR B 72 -10.71 24.28 3.86
N TRP B 73 -10.02 24.67 2.79
CA TRP B 73 -8.91 25.62 2.94
C TRP B 73 -9.25 26.92 2.23
N PRO B 74 -10.26 27.68 2.72
CA PRO B 74 -10.67 28.91 2.02
C PRO B 74 -9.50 29.79 1.64
N GLY B 75 -8.51 29.90 2.53
CA GLY B 75 -7.37 30.76 2.25
C GLY B 75 -6.60 30.33 1.03
N ARG B 76 -6.62 29.04 0.70
CA ARG B 76 -5.80 28.53 -0.39
C ARG B 76 -6.59 28.32 -1.68
N TYR B 77 -7.86 27.94 -1.60
CA TYR B 77 -8.55 27.50 -2.79
C TYR B 77 -9.82 28.28 -3.11
N LEU B 78 -10.24 29.21 -2.25
CA LEU B 78 -11.46 29.98 -2.48
C LEU B 78 -11.12 31.30 -3.18
N GLY B 79 -11.95 31.66 -4.17
CA GLY B 79 -11.75 32.89 -4.91
C GLY B 79 -12.63 34.03 -4.43
N PRO B 80 -12.38 35.25 -4.94
CA PRO B 80 -13.11 36.42 -4.43
C PRO B 80 -14.57 36.45 -4.86
N ASP B 81 -14.91 35.79 -5.96
CA ASP B 81 -16.29 35.57 -6.36
C ASP B 81 -16.95 34.46 -5.56
N GLY B 82 -16.31 33.99 -4.49
CA GLY B 82 -16.86 32.86 -3.76
C GLY B 82 -16.75 31.56 -4.50
N GLN B 83 -15.91 31.51 -5.54
CA GLN B 83 -15.77 30.33 -6.36
C GLN B 83 -14.40 29.70 -6.17
N PRO B 84 -14.30 28.39 -6.30
CA PRO B 84 -12.98 27.76 -6.31
C PRO B 84 -12.08 28.50 -7.31
N ASN B 85 -10.84 28.74 -6.89
CA ASN B 85 -9.87 29.41 -7.76
C ASN B 85 -9.25 28.42 -8.74
N ALA B 86 -8.28 28.88 -9.53
CA ALA B 86 -7.78 28.06 -10.64
C ALA B 86 -6.98 26.87 -10.12
N LEU B 87 -6.17 27.08 -9.09
CA LEU B 87 -5.45 25.98 -8.47
C LEU B 87 -6.41 24.94 -7.94
N ALA B 88 -7.50 25.37 -7.29
CA ALA B 88 -8.51 24.42 -6.83
C ALA B 88 -9.07 23.62 -7.99
N LEU B 89 -9.36 24.28 -9.11
CA LEU B 89 -9.89 23.57 -10.27
C LEU B 89 -8.86 22.57 -10.82
N ARG B 90 -7.59 22.96 -10.83
CA ARG B 90 -6.49 22.06 -11.22
C ARG B 90 -6.50 20.78 -10.39
N LEU B 91 -6.61 20.93 -9.06
CA LEU B 91 -6.41 19.83 -8.13
C LEU B 91 -7.69 19.06 -7.81
N ALA B 92 -8.87 19.56 -8.20
CA ALA B 92 -10.12 18.98 -7.73
C ALA B 92 -10.23 17.49 -8.04
N ARG B 93 -10.67 16.73 -7.04
CA ARG B 93 -11.02 15.32 -7.11
C ARG B 93 -9.81 14.42 -7.37
N ASN B 94 -8.60 14.93 -7.13
CA ASN B 94 -7.36 14.18 -7.29
C ASN B 94 -6.67 14.17 -5.93
N PRO B 95 -6.98 13.20 -5.08
CA PRO B 95 -6.44 13.23 -3.71
C PRO B 95 -4.92 13.32 -3.65
N GLN B 96 -4.19 12.57 -4.47
CA GLN B 96 -2.74 12.68 -4.43
C GLN B 96 -2.29 14.11 -4.64
N ALA B 97 -2.78 14.75 -5.72
CA ALA B 97 -2.37 16.12 -6.00
C ALA B 97 -2.82 17.06 -4.90
N ILE B 98 -4.02 16.85 -4.36
CA ILE B 98 -4.51 17.69 -3.28
C ILE B 98 -3.56 17.63 -2.09
N ALA B 99 -3.23 16.42 -1.64
CA ALA B 99 -2.34 16.29 -0.49
C ALA B 99 -0.95 16.88 -0.78
N ASP B 100 -0.42 16.57 -1.97
CA ASP B 100 0.93 17.02 -2.31
C ASP B 100 1.04 18.54 -2.30
N ASN B 101 -0.03 19.23 -2.69
CA ASN B 101 -0.01 20.70 -2.69
C ASN B 101 -0.34 21.27 -1.32
N THR B 102 -1.42 20.79 -0.70
CA THR B 102 -1.88 21.41 0.53
C THR B 102 -0.88 21.21 1.67
N TYR B 103 -0.23 20.05 1.71
CA TYR B 103 0.65 19.72 2.84
C TYR B 103 2.13 19.84 2.51
N ALA B 104 2.49 20.34 1.34
CA ALA B 104 3.90 20.47 1.01
C ALA B 104 4.60 21.38 2.01
N THR B 105 5.83 21.02 2.38
CA THR B 105 6.61 21.78 3.35
C THR B 105 5.86 21.99 4.66
N ARG B 106 4.97 21.06 5.00
CA ARG B 106 4.27 21.09 6.28
C ARG B 106 4.74 19.92 7.14
N ASN B 107 5.09 20.20 8.38
CA ASN B 107 5.46 19.17 9.34
C ASN B 107 6.59 18.28 8.81
N GLY B 108 7.60 18.93 8.24
CA GLY B 108 8.74 18.21 7.69
C GLY B 108 8.58 17.73 6.27
N ASN B 109 7.40 17.89 5.67
CA ASN B 109 7.21 17.50 4.28
C ASN B 109 8.05 18.38 3.37
N GLY B 110 8.50 17.80 2.27
CA GLY B 110 9.11 18.56 1.20
C GLY B 110 8.06 19.32 0.40
N ASP B 111 8.42 19.65 -0.83
CA ASP B 111 7.55 20.43 -1.70
C ASP B 111 6.57 19.51 -2.42
N GLU B 112 5.65 20.12 -3.19
CA GLU B 112 4.58 19.37 -3.84
C GLU B 112 5.16 18.31 -4.78
N ALA B 113 6.33 18.56 -5.35
CA ALA B 113 6.96 17.59 -6.23
C ALA B 113 7.59 16.43 -5.47
N SER B 114 7.92 16.60 -4.19
CA SER B 114 8.44 15.50 -3.40
C SER B 114 7.42 14.37 -3.27
N GLY B 115 6.13 14.70 -3.27
CA GLY B 115 5.12 13.72 -2.94
C GLY B 115 4.97 13.47 -1.46
N ASP B 116 5.67 14.23 -0.61
CA ASP B 116 5.56 14.03 0.83
C ASP B 116 4.13 14.26 1.31
N GLY B 117 3.45 15.25 0.74
CA GLY B 117 2.12 15.59 1.22
C GLY B 117 1.17 14.41 1.23
N TRP B 118 1.15 13.66 0.12
CA TRP B 118 0.33 12.45 0.02
C TRP B 118 0.95 11.30 0.80
N ARG B 119 2.26 11.09 0.62
CA ARG B 119 2.94 9.98 1.28
C ARG B 119 2.64 9.96 2.77
N PHE B 120 2.68 11.13 3.41
CA PHE B 120 2.55 11.25 4.86
C PHE B 120 1.26 11.97 5.24
N ARG B 121 0.20 11.73 4.47
CA ARG B 121 -1.13 12.20 4.84
C ARG B 121 -1.54 11.59 6.17
N GLY B 122 -2.62 12.11 6.76
CA GLY B 122 -3.01 11.69 8.09
C GLY B 122 -3.36 10.21 8.21
N ARG B 123 -2.73 9.52 9.18
CA ARG B 123 -3.08 8.14 9.47
C ARG B 123 -3.09 7.89 10.97
N GLY B 124 -3.84 6.87 11.36
CA GLY B 124 -3.88 6.41 12.73
C GLY B 124 -5.24 6.65 13.35
N LEU B 125 -5.27 6.60 14.68
CA LEU B 125 -6.49 6.95 15.41
C LEU B 125 -6.50 8.45 15.71
N LEU B 126 -5.52 8.92 16.47
CA LEU B 126 -5.22 10.34 16.52
C LEU B 126 -4.21 10.59 15.42
N GLN B 127 -4.65 11.21 14.34
CA GLN B 127 -3.92 11.09 13.08
C GLN B 127 -2.56 11.79 13.15
N ILE B 128 -1.57 11.14 12.55
CA ILE B 128 -0.21 11.66 12.43
C ILE B 128 -0.03 12.13 11.00
N THR B 129 0.52 13.34 10.81
CA THR B 129 0.65 13.93 9.49
C THR B 129 2.03 14.54 9.30
N GLY B 130 2.67 14.21 8.20
CA GLY B 130 3.90 14.86 7.77
C GLY B 130 5.13 14.03 8.07
N ARG B 131 6.13 14.14 7.18
CA ARG B 131 7.33 13.32 7.26
C ARG B 131 7.98 13.38 8.64
N ALA B 132 8.20 14.59 9.16
CA ALA B 132 8.90 14.71 10.44
C ALA B 132 8.13 14.07 11.58
N ASN B 133 6.80 14.09 11.51
CA ASN B 133 5.99 13.49 12.57
C ASN B 133 5.98 11.97 12.45
N TYR B 134 5.91 11.44 11.22
CA TYR B 134 6.10 10.01 11.06
C TYR B 134 7.45 9.57 11.61
N ARG B 135 8.49 10.36 11.38
CA ARG B 135 9.81 9.99 11.90
C ARG B 135 9.83 10.09 13.42
N LEU B 136 9.26 11.15 13.98
CA LEU B 136 9.19 11.32 15.43
C LEU B 136 8.51 10.13 16.09
N VAL B 137 7.34 9.77 15.59
CA VAL B 137 6.53 8.72 16.20
C VAL B 137 7.14 7.34 15.95
N GLY B 138 7.60 7.07 14.73
CA GLY B 138 8.28 5.81 14.49
C GLY B 138 9.46 5.60 15.43
N GLU B 139 10.23 6.64 15.67
CA GLU B 139 11.38 6.51 16.58
C GLU B 139 10.92 6.28 18.02
N ALA B 140 9.80 6.87 18.42
CA ALA B 140 9.32 6.70 19.79
C ALA B 140 8.67 5.34 19.98
N LEU B 141 8.10 4.77 18.92
CA LEU B 141 7.48 3.45 18.99
C LEU B 141 8.43 2.33 18.55
N GLY B 142 9.60 2.65 18.02
CA GLY B 142 10.42 1.59 17.46
C GLY B 142 9.75 0.84 16.33
N GLU B 143 9.06 1.56 15.45
CA GLU B 143 8.40 1.04 14.27
C GLU B 143 8.85 1.84 13.05
N PRO B 144 8.94 1.22 11.89
CA PRO B 144 9.55 1.88 10.73
C PRO B 144 8.55 2.74 9.97
N LEU B 145 7.94 3.70 10.69
CA LEU B 145 6.79 4.44 10.13
C LEU B 145 7.19 5.43 9.04
N GLU B 146 8.36 6.06 9.13
CA GLU B 146 8.77 6.95 8.05
C GLU B 146 9.03 6.18 6.76
N ALA B 147 9.65 5.00 6.86
CA ALA B 147 9.93 4.21 5.66
C ALA B 147 8.67 3.53 5.12
N GLU B 148 7.75 3.13 6.00
CA GLU B 148 6.53 2.42 5.63
C GLU B 148 5.33 3.10 6.29
N PRO B 149 4.93 4.26 5.79
CA PRO B 149 3.86 5.02 6.47
C PRO B 149 2.53 4.29 6.54
N TRP B 150 2.27 3.37 5.61
CA TRP B 150 1.02 2.62 5.62
C TRP B 150 0.84 1.81 6.88
N ARG B 151 1.92 1.59 7.65
CA ARG B 151 1.79 0.83 8.87
C ARG B 151 0.90 1.54 9.88
N LEU B 152 0.77 2.86 9.78
CA LEU B 152 -0.13 3.57 10.69
C LEU B 152 -1.59 3.28 10.40
N GLU B 153 -1.91 2.60 9.30
CA GLU B 153 -3.28 2.14 9.09
C GLU B 153 -3.52 0.76 9.69
N GLN B 154 -2.52 0.15 10.30
CA GLN B 154 -2.68 -1.15 10.94
C GLN B 154 -2.94 -0.99 12.42
N PRO B 155 -3.56 -1.99 13.06
CA PRO B 155 -4.06 -1.79 14.43
C PRO B 155 -3.01 -1.43 15.46
N VAL B 156 -1.87 -2.12 15.49
CA VAL B 156 -0.92 -1.92 16.57
C VAL B 156 -0.29 -0.53 16.45
N PRO B 157 0.22 -0.13 15.29
CA PRO B 157 0.80 1.22 15.21
C PRO B 157 -0.25 2.30 15.40
N ALA B 158 -1.47 2.10 14.90
CA ALA B 158 -2.51 3.10 15.13
C ALA B 158 -2.78 3.26 16.62
N ALA B 159 -2.92 2.15 17.34
CA ALA B 159 -3.25 2.22 18.76
C ALA B 159 -2.07 2.75 19.57
N ARG B 160 -0.85 2.30 19.25
CA ARG B 160 0.32 2.71 20.02
C ARG B 160 0.64 4.18 19.79
N SER B 161 0.51 4.65 18.55
CA SER B 161 0.76 6.05 18.26
C SER B 161 -0.25 6.93 19.00
N ALA B 162 -1.51 6.48 19.07
CA ALA B 162 -2.53 7.28 19.76
C ALA B 162 -2.30 7.27 21.25
N ALA B 163 -1.97 6.12 21.84
CA ALA B 163 -1.69 6.10 23.27
C ALA B 163 -0.45 6.92 23.60
N TRP B 164 0.58 6.88 22.74
CA TRP B 164 1.79 7.65 22.99
C TRP B 164 1.50 9.15 22.98
N TRP B 165 0.68 9.60 22.03
CA TRP B 165 0.35 11.02 21.95
C TRP B 165 -0.51 11.42 23.14
N TRP B 166 -1.51 10.61 23.46
CA TRP B 166 -2.37 10.83 24.62
C TRP B 166 -1.56 11.04 25.89
N ALA B 167 -0.74 10.04 26.26
CA ALA B 167 -0.02 10.16 27.52
C ALA B 167 0.97 11.30 27.45
N GLY B 168 1.52 11.56 26.28
CA GLY B 168 2.57 12.55 26.14
C GLY B 168 2.07 13.98 26.23
N HIS B 169 0.77 14.19 26.06
CA HIS B 169 0.18 15.51 26.17
C HIS B 169 -0.62 15.68 27.45
N GLY B 170 -0.33 14.89 28.48
CA GLY B 170 -0.94 15.07 29.78
C GLY B 170 -2.39 14.67 29.88
N LEU B 171 -2.92 13.96 28.88
CA LEU B 171 -4.36 13.70 28.88
C LEU B 171 -4.76 12.65 29.91
N ASN B 172 -3.83 11.83 30.40
CA ASN B 172 -4.17 10.90 31.47
C ASN B 172 -4.58 11.65 32.73
N GLU B 173 -3.84 12.70 33.08
CA GLU B 173 -4.13 13.46 34.29
C GLU B 173 -5.44 14.24 34.15
N LEU B 174 -5.72 14.79 32.96
CA LEU B 174 -7.03 15.41 32.75
C LEU B 174 -8.15 14.40 32.92
N ALA B 175 -7.97 13.18 32.39
CA ALA B 175 -8.98 12.15 32.57
C ALA B 175 -9.18 11.82 34.04
N ASP B 176 -8.09 11.77 34.82
CA ASP B 176 -8.19 11.57 36.27
C ASP B 176 -9.17 12.56 36.88
N ARG B 177 -9.13 13.81 36.42
CA ARG B 177 -9.91 14.87 37.04
C ARG B 177 -11.29 15.01 36.43
N GLY B 178 -11.61 14.21 35.42
CA GLY B 178 -12.90 14.31 34.76
C GLY B 178 -13.01 15.46 33.79
N GLU B 179 -11.89 16.05 33.38
CA GLU B 179 -11.89 17.25 32.54
C GLU B 179 -11.91 16.83 31.07
N PHE B 180 -13.05 16.31 30.67
CA PHE B 180 -13.16 15.75 29.33
C PHE B 180 -13.12 16.83 28.25
N ALA B 181 -13.78 17.97 28.49
CA ALA B 181 -13.74 19.05 27.50
C ALA B 181 -12.32 19.60 27.33
N ALA B 182 -11.55 19.65 28.42
CA ALA B 182 -10.14 20.04 28.29
C ALA B 182 -9.39 19.07 27.39
N ILE B 183 -9.72 17.79 27.47
CA ILE B 183 -9.07 16.83 26.58
C ILE B 183 -9.44 17.13 25.13
N THR B 184 -10.74 17.36 24.88
CA THR B 184 -11.15 17.67 23.50
C THR B 184 -10.36 18.86 22.96
N ARG B 185 -10.20 19.92 23.76
CA ARG B 185 -9.48 21.10 23.26
C ARG B 185 -8.03 20.77 22.92
N ARG B 186 -7.39 19.92 23.72
CA ARG B 186 -6.00 19.60 23.42
C ARG B 186 -5.88 18.79 22.14
N ILE B 187 -6.90 17.98 21.83
CA ILE B 187 -6.85 17.13 20.64
C ILE B 187 -7.26 17.90 19.40
N ASN B 188 -8.27 18.76 19.54
CA ASN B 188 -8.91 19.40 18.41
C ASN B 188 -8.60 20.88 18.29
N GLY B 189 -8.05 21.50 19.33
CA GLY B 189 -7.91 22.95 19.30
C GLY B 189 -9.23 23.68 19.22
N GLY B 190 -10.32 22.98 19.48
CA GLY B 190 -11.65 23.54 19.48
C GLY B 190 -12.53 22.54 20.16
N LEU B 191 -13.84 22.67 19.96
CA LEU B 191 -14.76 21.67 20.49
C LEU B 191 -15.56 20.99 19.37
N ASN B 192 -14.99 20.91 18.17
CA ASN B 192 -15.69 20.26 17.07
C ASN B 192 -15.97 18.79 17.37
N GLY B 193 -17.19 18.36 17.05
CA GLY B 193 -17.59 16.99 17.32
C GLY B 193 -17.78 16.64 18.79
N GLN B 194 -17.94 17.63 19.65
CA GLN B 194 -18.07 17.35 21.09
C GLN B 194 -19.31 16.53 21.39
N ALA B 195 -20.42 16.79 20.70
CA ALA B 195 -21.63 16.01 20.96
C ALA B 195 -21.35 14.51 20.81
N GLU B 196 -20.66 14.12 19.74
CA GLU B 196 -20.37 12.71 19.52
C GLU B 196 -19.32 12.19 20.49
N ARG B 197 -18.31 13.00 20.81
CA ARG B 197 -17.31 12.58 21.79
C ARG B 197 -17.95 12.28 23.13
N LEU B 198 -18.87 13.15 23.58
CA LEU B 198 -19.54 12.94 24.86
C LEU B 198 -20.41 11.70 24.83
N ALA B 199 -21.12 11.47 23.72
CA ALA B 199 -21.93 10.26 23.61
C ALA B 199 -21.07 9.01 23.75
N LEU B 200 -19.94 8.95 23.04
CA LEU B 200 -19.07 7.79 23.16
C LEU B 200 -18.50 7.70 24.57
N TRP B 201 -18.17 8.85 25.16
CA TRP B 201 -17.60 8.87 26.50
C TRP B 201 -18.54 8.25 27.52
N GLN B 202 -19.80 8.71 27.56
CA GLN B 202 -20.73 8.16 28.55
C GLN B 202 -20.98 6.67 28.29
N ARG B 203 -21.05 6.26 27.02
CA ARG B 203 -21.13 4.83 26.73
C ARG B 203 -19.93 4.07 27.25
N ALA B 204 -18.71 4.57 26.99
CA ALA B 204 -17.53 3.86 27.46
C ALA B 204 -17.49 3.80 28.98
N ARG B 205 -17.96 4.85 29.66
CA ARG B 205 -17.98 4.84 31.12
C ARG B 205 -18.92 3.77 31.65
N ALA B 206 -20.06 3.57 30.98
CA ALA B 206 -21.01 2.56 31.44
C ALA B 206 -20.47 1.15 31.20
N VAL B 207 -19.85 0.92 30.05
CA VAL B 207 -19.38 -0.41 29.73
C VAL B 207 -18.19 -0.80 30.60
N LEU B 208 -17.31 0.16 30.90
CA LEU B 208 -16.08 -0.14 31.62
C LEU B 208 -16.24 -0.02 33.13
N SER B 209 -17.40 0.41 33.61
CA SER B 209 -17.62 0.65 35.03
C SER B 209 -17.40 -0.60 35.86
#